data_5NRS
#
_entry.id   5NRS
#
_cell.length_a   74.930
_cell.length_b   74.930
_cell.length_c   157.470
_cell.angle_alpha   90.000
_cell.angle_beta   90.000
_cell.angle_gamma   120.000
#
_symmetry.space_group_name_H-M   'P 32 2 1'
#
loop_
_entity.id
_entity.type
_entity.pdbx_description
1 polymer 'DNA (cytosine-5)-methyltransferase 3B'
2 non-polymer 'SULFATE ION'
3 non-polymer (2~{S})-1-[2-hydroxyethyl-[(2~{S})-2-oxidanylpropyl]amino]propan-2-ol
4 water water
#
_entity_poly.entity_id   1
_entity_poly.type   'polypeptide(L)'
_entity_poly.pdbx_seq_one_letter_code
;EADSGDGDSSEYQDGKEFGIGDLVWGKIKGFSWWPAMVVSWKATSKRQAMSGMRWVQWFGDGKFSEVSADKLVALGLFSQ
HFNLATFNKLVSYRKAMYHALEKARVRAGKTFPSSPGDSLEDQLKPMLEWAHGGFKPTGIEGLKPNNTQP
;
_entity_poly.pdbx_strand_id   A,B
#
# COMPACT_ATOMS: atom_id res chain seq x y z
N SER A 10 9.10 -14.05 -5.11
CA SER A 10 8.82 -14.00 -3.68
C SER A 10 7.92 -12.80 -3.35
N GLU A 11 7.76 -12.50 -2.06
CA GLU A 11 6.91 -11.39 -1.65
C GLU A 11 7.65 -10.05 -1.74
N TYR A 12 6.93 -9.04 -2.22
CA TYR A 12 7.43 -7.66 -2.35
C TYR A 12 8.53 -7.51 -3.40
N GLN A 13 8.50 -8.40 -4.40
CA GLN A 13 9.42 -8.29 -5.54
C GLN A 13 8.79 -7.48 -6.67
N ASP A 14 8.87 -6.15 -6.55
CA ASP A 14 8.22 -5.26 -7.52
C ASP A 14 9.06 -4.04 -7.89
N GLY A 15 10.32 -4.02 -7.45
CA GLY A 15 11.21 -2.92 -7.74
C GLY A 15 11.19 -1.79 -6.71
N LYS A 16 10.04 -1.62 -6.04
CA LYS A 16 9.88 -0.60 -5.00
C LYS A 16 10.73 -0.92 -3.76
N GLU A 17 10.89 0.08 -2.91
CA GLU A 17 11.75 0.00 -1.72
C GLU A 17 11.08 -0.79 -0.57
N PHE A 18 11.85 -1.08 0.50
CA PHE A 18 11.33 -1.64 1.76
C PHE A 18 10.97 -3.12 1.71
N GLY A 19 11.52 -3.87 2.67
CA GLY A 19 11.23 -5.27 2.81
C GLY A 19 10.82 -5.62 4.23
N ILE A 20 10.45 -6.87 4.42
CA ILE A 20 10.00 -7.38 5.70
C ILE A 20 10.98 -7.06 6.83
N GLY A 21 10.46 -6.60 7.97
CA GLY A 21 11.29 -6.22 9.09
C GLY A 21 11.73 -4.76 9.11
N ASP A 22 11.67 -4.08 7.97
CA ASP A 22 12.11 -2.68 7.90
C ASP A 22 11.31 -1.73 8.79
N LEU A 23 12.03 -0.91 9.55
CA LEU A 23 11.40 0.13 10.36
C LEU A 23 11.15 1.37 9.52
N VAL A 24 9.91 1.82 9.46
CA VAL A 24 9.55 2.89 8.53
C VAL A 24 8.62 3.91 9.18
N TRP A 25 8.54 5.09 8.55
CA TRP A 25 7.46 6.00 8.83
C TRP A 25 6.40 5.77 7.75
N GLY A 26 5.13 5.80 8.14
CA GLY A 26 4.07 5.62 7.17
C GLY A 26 3.08 6.77 7.24
N LYS A 27 2.64 7.24 6.09
CA LYS A 27 1.71 8.36 6.06
C LYS A 27 0.32 7.90 5.65
N ILE A 28 -0.61 7.96 6.60
CA ILE A 28 -2.01 7.70 6.32
C ILE A 28 -2.79 9.02 6.31
N LYS A 29 -3.63 9.16 5.29
CA LYS A 29 -4.49 10.32 5.08
C LYS A 29 -5.15 10.83 6.38
N GLY A 30 -4.78 12.03 6.80
CA GLY A 30 -5.32 12.60 8.02
C GLY A 30 -4.47 12.48 9.27
N PHE A 31 -3.35 11.75 9.19
CA PHE A 31 -2.49 11.56 10.36
C PHE A 31 -1.05 12.00 10.10
N SER A 32 -0.34 12.33 11.17
CA SER A 32 1.09 12.57 11.06
C SER A 32 1.79 11.29 10.56
N TRP A 33 2.99 11.45 10.01
CA TRP A 33 3.86 10.30 9.82
C TRP A 33 3.90 9.50 11.12
N TRP A 34 3.75 8.18 10.98
CA TRP A 34 3.62 7.30 12.14
C TRP A 34 4.58 6.11 11.99
N PRO A 35 5.24 5.73 13.08
CA PRO A 35 6.24 4.64 12.97
C PRO A 35 5.59 3.28 12.78
N ALA A 36 6.20 2.44 11.96
CA ALA A 36 5.61 1.15 11.67
C ALA A 36 6.67 0.12 11.32
N MET A 37 6.27 -1.14 11.25
CA MET A 37 7.18 -2.16 10.73
C MET A 37 6.57 -2.84 9.52
N VAL A 38 7.37 -3.01 8.45
CA VAL A 38 6.91 -3.75 7.29
C VAL A 38 6.74 -5.23 7.66
N VAL A 39 5.57 -5.81 7.39
CA VAL A 39 5.36 -7.22 7.71
C VAL A 39 4.91 -7.99 6.48
N SER A 40 5.04 -9.30 6.52
CA SER A 40 4.52 -10.15 5.45
C SER A 40 3.00 -10.18 5.52
N TRP A 41 2.35 -10.45 4.39
CA TRP A 41 0.89 -10.50 4.41
C TRP A 41 0.38 -11.66 5.26
N LYS A 42 1.21 -12.70 5.40
CA LYS A 42 0.86 -13.84 6.26
C LYS A 42 0.62 -13.46 7.73
N ALA A 43 1.30 -12.44 8.21
CA ALA A 43 1.09 -11.96 9.57
C ALA A 43 -0.26 -11.23 9.72
N THR A 44 -0.84 -10.78 8.62
CA THR A 44 -1.97 -9.86 8.69
C THR A 44 -3.34 -10.51 8.85
N SER A 45 -3.45 -11.75 8.38
CA SER A 45 -4.74 -12.47 8.31
C SER A 45 -5.68 -11.84 7.28
N LYS A 46 -5.12 -11.26 6.23
CA LYS A 46 -5.95 -10.64 5.19
C LYS A 46 -5.69 -11.21 3.79
N ARG A 47 -4.78 -10.61 3.03
CA ARG A 47 -4.58 -10.95 1.62
C ARG A 47 -3.21 -10.48 1.21
N GLN A 48 -2.70 -10.98 0.09
CA GLN A 48 -1.46 -10.43 -0.45
C GLN A 48 -1.61 -8.95 -0.79
N ALA A 49 -0.57 -8.17 -0.56
CA ALA A 49 -0.59 -6.77 -0.91
C ALA A 49 -0.64 -6.63 -2.43
N MET A 50 -1.32 -5.60 -2.94
CA MET A 50 -1.21 -5.25 -4.36
C MET A 50 0.22 -4.85 -4.68
N SER A 51 0.56 -4.90 -5.97
CA SER A 51 1.90 -4.53 -6.45
C SER A 51 2.21 -3.11 -6.01
N GLY A 52 3.44 -2.90 -5.52
CA GLY A 52 3.89 -1.58 -5.14
C GLY A 52 3.30 -1.14 -3.80
N MET A 53 2.69 -2.05 -3.07
CA MET A 53 2.28 -1.74 -1.72
C MET A 53 2.91 -2.68 -0.70
N ARG A 54 2.88 -2.28 0.56
CA ARG A 54 3.45 -3.09 1.62
C ARG A 54 2.43 -3.18 2.73
N TRP A 55 2.36 -4.33 3.38
CA TRP A 55 1.66 -4.41 4.64
C TRP A 55 2.59 -3.85 5.71
N VAL A 56 2.06 -3.01 6.59
CA VAL A 56 2.82 -2.56 7.74
C VAL A 56 2.01 -2.77 9.00
N GLN A 57 2.70 -2.86 10.13
CA GLN A 57 2.06 -2.95 11.43
C GLN A 57 2.52 -1.73 12.23
N TRP A 58 1.55 -0.94 12.71
CA TRP A 58 1.84 0.32 13.37
C TRP A 58 2.27 0.10 14.80
N PHE A 59 3.34 0.77 15.22
CA PHE A 59 3.75 0.71 16.61
C PHE A 59 2.70 1.43 17.43
N GLY A 60 2.52 1.01 18.66
CA GLY A 60 1.53 1.64 19.53
C GLY A 60 0.18 0.95 19.52
N ASP A 61 -0.40 0.71 18.35
CA ASP A 61 -1.69 0.05 18.33
C ASP A 61 -1.70 -1.35 17.70
N GLY A 62 -0.61 -1.69 17.00
CA GLY A 62 -0.46 -3.04 16.51
C GLY A 62 -1.41 -3.42 15.38
N LYS A 63 -2.06 -2.45 14.75
CA LYS A 63 -2.91 -2.71 13.59
C LYS A 63 -2.14 -2.79 12.27
N PHE A 64 -2.78 -3.38 11.27
CA PHE A 64 -2.18 -3.61 9.96
C PHE A 64 -2.81 -2.71 8.89
N SER A 65 -1.99 -2.13 8.02
CA SER A 65 -2.48 -1.34 6.90
C SER A 65 -1.70 -1.70 5.65
N GLU A 66 -2.38 -1.71 4.51
CA GLU A 66 -1.72 -1.81 3.22
C GLU A 66 -1.41 -0.39 2.76
N VAL A 67 -0.14 -0.11 2.55
CA VAL A 67 0.32 1.24 2.32
C VAL A 67 1.22 1.24 1.10
N SER A 68 1.06 2.22 0.23
CA SER A 68 1.95 2.33 -0.92
C SER A 68 3.40 2.52 -0.48
N ALA A 69 4.34 1.97 -1.24
CA ALA A 69 5.76 2.11 -0.92
C ALA A 69 6.23 3.56 -1.09
N ASP A 70 5.41 4.36 -1.76
CA ASP A 70 5.70 5.78 -1.99
C ASP A 70 5.30 6.61 -0.78
N LYS A 71 4.35 6.09 0.00
CA LYS A 71 3.95 6.71 1.26
C LYS A 71 4.73 6.14 2.46
N LEU A 72 5.91 5.57 2.23
CA LEU A 72 6.80 5.11 3.31
C LEU A 72 8.21 5.68 3.18
N VAL A 73 8.83 5.99 4.31
CA VAL A 73 10.24 6.35 4.35
C VAL A 73 10.91 5.61 5.50
N ALA A 74 12.23 5.50 5.46
CA ALA A 74 12.97 4.78 6.48
C ALA A 74 12.84 5.49 7.80
N LEU A 75 12.64 4.73 8.89
CA LEU A 75 12.54 5.34 10.21
C LEU A 75 13.80 6.14 10.54
N GLY A 76 14.93 5.73 9.97
CA GLY A 76 16.21 6.39 10.19
C GLY A 76 16.27 7.84 9.77
N LEU A 77 15.41 8.23 8.83
CA LEU A 77 15.25 9.63 8.46
C LEU A 77 14.33 10.26 9.51
N PHE A 78 14.85 10.38 10.73
CA PHE A 78 14.00 10.59 11.88
C PHE A 78 13.61 12.05 12.11
N SER A 79 14.61 12.90 12.24
CA SER A 79 14.35 14.30 12.52
C SER A 79 13.51 14.92 11.39
N GLN A 80 13.65 14.36 10.19
CA GLN A 80 12.85 14.81 9.04
C GLN A 80 11.37 14.47 9.13
N HIS A 81 10.96 13.49 9.96
CA HIS A 81 9.55 13.07 9.95
C HIS A 81 8.93 12.98 11.32
N PHE A 82 9.76 13.05 12.34
CA PHE A 82 9.26 13.19 13.68
C PHE A 82 8.37 14.46 13.72
N ASN A 83 7.16 14.32 14.25
CA ASN A 83 6.29 15.48 14.39
C ASN A 83 6.20 15.93 15.84
N LEU A 84 6.86 17.05 16.14
CA LEU A 84 7.00 17.46 17.52
C LEU A 84 5.64 17.87 18.10
N ALA A 85 4.82 18.54 17.28
CA ALA A 85 3.49 18.95 17.74
C ALA A 85 2.65 17.73 18.10
N THR A 86 2.62 16.73 17.20
CA THR A 86 1.83 15.53 17.45
C THR A 86 2.35 14.85 18.72
N PHE A 87 3.67 14.86 18.89
CA PHE A 87 4.30 14.26 20.06
C PHE A 87 3.85 14.94 21.35
N ASN A 88 3.73 16.27 21.31
CA ASN A 88 3.27 17.01 22.48
C ASN A 88 1.76 16.83 22.71
N LYS A 89 1.00 16.73 21.62
CA LYS A 89 -0.46 16.61 21.70
C LYS A 89 -0.98 15.20 22.09
N LEU A 90 -0.36 14.14 21.56
CA LEU A 90 -0.97 12.80 21.61
C LEU A 90 -0.19 11.75 22.41
N VAL A 91 -0.80 11.25 23.47
CA VAL A 91 -0.13 10.24 24.28
C VAL A 91 0.11 8.98 23.43
N SER A 92 -0.78 8.73 22.48
CA SER A 92 -0.67 7.51 21.68
C SER A 92 0.58 7.57 20.79
N TYR A 93 0.93 8.78 20.35
CA TYR A 93 2.11 8.98 19.52
C TYR A 93 3.38 8.80 20.35
N ARG A 94 3.35 9.25 21.61
CA ARG A 94 4.49 9.03 22.52
C ARG A 94 4.69 7.55 22.83
N LYS A 95 3.59 6.82 23.01
CA LYS A 95 3.68 5.38 23.21
C LYS A 95 4.27 4.74 21.95
N ALA A 96 3.79 5.18 20.79
CA ALA A 96 4.27 4.67 19.52
C ALA A 96 5.77 4.87 19.36
N MET A 97 6.27 6.06 19.68
CA MET A 97 7.70 6.33 19.60
C MET A 97 8.52 5.43 20.51
N TYR A 98 8.03 5.19 21.72
CA TYR A 98 8.72 4.32 22.66
C TYR A 98 8.92 2.92 22.06
N HIS A 99 7.83 2.28 21.65
CA HIS A 99 7.94 0.92 21.08
C HIS A 99 8.77 0.89 19.81
N ALA A 100 8.66 1.94 19.01
CA ALA A 100 9.44 2.00 17.78
C ALA A 100 10.94 2.17 18.12
N LEU A 101 11.27 3.09 19.03
CA LEU A 101 12.68 3.35 19.30
C LEU A 101 13.31 2.20 20.10
N GLU A 102 12.53 1.61 21.00
CA GLU A 102 12.94 0.38 21.68
C GLU A 102 13.33 -0.75 20.74
N LYS A 103 12.54 -0.98 19.70
CA LYS A 103 12.93 -1.95 18.68
C LYS A 103 14.20 -1.50 17.94
N ALA A 104 14.31 -0.20 17.67
CA ALA A 104 15.51 0.35 17.02
C ALA A 104 16.75 0.12 17.88
N ARG A 105 16.58 0.37 19.17
CA ARG A 105 17.67 0.33 20.12
C ARG A 105 18.24 -1.10 20.14
N VAL A 106 17.34 -2.08 20.26
CA VAL A 106 17.78 -3.47 20.33
C VAL A 106 18.50 -3.88 19.05
N ARG A 107 17.95 -3.54 17.90
CA ARG A 107 18.62 -3.83 16.63
C ARG A 107 20.02 -3.22 16.53
N ALA A 108 20.17 -1.97 16.97
CA ALA A 108 21.42 -1.26 16.80
C ALA A 108 22.48 -1.67 17.83
N GLY A 109 22.03 -2.25 18.94
CA GLY A 109 22.96 -2.65 19.97
C GLY A 109 23.30 -1.48 20.86
N LYS A 110 22.37 -0.54 20.97
CA LYS A 110 22.53 0.63 21.82
C LYS A 110 22.02 0.32 23.22
N THR A 111 22.61 0.94 24.25
CA THR A 111 22.03 0.88 25.59
C THR A 111 21.99 2.27 26.25
N PHE A 112 20.93 2.51 27.02
CA PHE A 112 20.82 3.74 27.81
C PHE A 112 20.74 3.42 29.31
N PRO A 113 21.19 4.37 30.17
CA PRO A 113 21.00 4.28 31.63
C PRO A 113 19.52 4.34 32.06
N SER A 114 19.25 4.11 33.35
CA SER A 114 17.86 4.17 33.86
C SER A 114 17.73 4.91 35.19
N SER A 119 9.88 5.55 34.50
CA SER A 119 8.74 6.25 33.90
C SER A 119 8.70 6.17 32.37
N LEU A 120 7.72 6.83 31.75
CA LEU A 120 7.56 6.81 30.30
C LEU A 120 8.34 7.92 29.59
N GLU A 121 7.92 9.16 29.83
CA GLU A 121 8.62 10.35 29.32
C GLU A 121 10.10 10.25 29.66
N ASP A 122 10.38 9.81 30.88
CA ASP A 122 11.75 9.74 31.37
C ASP A 122 12.57 8.70 30.61
N GLN A 123 11.90 7.62 30.21
CA GLN A 123 12.60 6.52 29.52
C GLN A 123 12.79 6.87 28.05
N LEU A 124 11.84 7.64 27.52
CA LEU A 124 11.82 8.02 26.12
C LEU A 124 12.91 9.05 25.81
N LYS A 125 13.15 9.94 26.77
CA LYS A 125 14.01 11.09 26.56
C LYS A 125 15.36 10.75 25.91
N PRO A 126 16.14 9.82 26.50
CA PRO A 126 17.41 9.55 25.82
C PRO A 126 17.27 8.80 24.49
N MET A 127 16.25 7.97 24.34
CA MET A 127 16.04 7.25 23.08
C MET A 127 15.69 8.28 22.01
N LEU A 128 14.86 9.24 22.40
CA LEU A 128 14.50 10.34 21.50
C LEU A 128 15.72 11.18 21.07
N GLU A 129 16.56 11.53 22.02
CA GLU A 129 17.76 12.30 21.70
C GLU A 129 18.68 11.49 20.80
N TRP A 130 18.76 10.18 21.06
CA TRP A 130 19.56 9.28 20.25
C TRP A 130 19.05 9.27 18.80
N ALA A 131 17.75 9.07 18.65
CA ALA A 131 17.12 9.05 17.34
C ALA A 131 17.29 10.40 16.62
N HIS A 132 16.94 11.47 17.33
CA HIS A 132 16.99 12.80 16.74
C HIS A 132 18.43 13.14 16.32
N GLY A 133 19.41 12.62 17.07
CA GLY A 133 20.80 12.94 16.81
C GLY A 133 21.42 12.10 15.71
N GLY A 134 20.65 11.16 15.17
CA GLY A 134 21.15 10.34 14.08
C GLY A 134 21.53 8.90 14.42
N PHE A 135 20.97 8.35 15.50
CA PHE A 135 21.22 6.95 15.83
C PHE A 135 22.70 6.62 15.91
N LYS A 136 23.44 7.45 16.63
CA LYS A 136 24.87 7.27 16.81
C LYS A 136 25.12 6.30 17.96
N PRO A 137 26.18 5.46 17.84
CA PRO A 137 27.22 5.43 16.79
C PRO A 137 26.91 4.68 15.49
N THR A 138 25.95 3.77 15.48
CA THR A 138 25.77 2.94 14.28
C THR A 138 25.25 3.71 13.07
N GLY A 139 24.58 4.83 13.30
CA GLY A 139 23.88 5.51 12.23
C GLY A 139 22.70 4.65 11.81
N ILE A 140 22.03 5.03 10.73
CA ILE A 140 20.80 4.33 10.36
C ILE A 140 21.02 2.86 10.04
N GLU A 141 22.26 2.54 9.70
CA GLU A 141 22.65 1.17 9.37
C GLU A 141 22.29 0.19 10.49
N GLY A 142 22.38 0.64 11.73
CA GLY A 142 22.07 -0.22 12.85
C GLY A 142 20.61 -0.60 12.99
N LEU A 143 19.73 -0.01 12.17
CA LEU A 143 18.29 -0.23 12.33
C LEU A 143 17.78 -1.34 11.43
N LYS A 144 18.70 -1.96 10.68
CA LYS A 144 18.29 -2.98 9.74
C LYS A 144 17.84 -4.26 10.46
N PRO A 145 16.94 -5.04 9.84
CA PRO A 145 16.45 -6.30 10.41
C PRO A 145 17.50 -7.41 10.33
N ASN A 146 17.39 -8.39 11.23
CA ASN A 146 18.34 -9.51 11.48
C ASN A 146 19.33 -9.19 12.60
N SER B 10 12.02 -6.64 -22.34
CA SER B 10 10.80 -6.18 -21.68
C SER B 10 9.64 -7.08 -22.04
N GLU B 11 9.07 -7.74 -21.04
CA GLU B 11 7.98 -8.68 -21.24
C GLU B 11 6.73 -7.91 -21.71
N TYR B 12 5.78 -8.64 -22.29
CA TYR B 12 4.55 -8.05 -22.87
C TYR B 12 4.78 -7.18 -24.10
N GLN B 13 5.93 -7.33 -24.75
CA GLN B 13 6.17 -6.64 -26.01
C GLN B 13 5.76 -7.55 -27.16
N ASP B 14 4.48 -7.91 -27.18
CA ASP B 14 3.92 -8.73 -28.26
C ASP B 14 2.88 -7.96 -29.08
N GLY B 15 2.95 -6.64 -29.04
CA GLY B 15 2.10 -5.80 -29.86
C GLY B 15 0.68 -5.65 -29.31
N LYS B 16 0.24 -6.63 -28.51
CA LYS B 16 -1.06 -6.55 -27.85
C LYS B 16 -1.13 -5.40 -26.83
N GLU B 17 -2.35 -5.09 -26.40
CA GLU B 17 -2.62 -3.97 -25.51
C GLU B 17 -2.20 -4.24 -24.05
N PHE B 18 -2.06 -3.17 -23.27
CA PHE B 18 -1.89 -3.22 -21.80
C PHE B 18 -0.48 -3.57 -21.31
N GLY B 19 0.08 -2.66 -20.51
CA GLY B 19 1.39 -2.88 -19.94
C GLY B 19 1.36 -2.86 -18.44
N ILE B 20 2.53 -3.08 -17.84
CA ILE B 20 2.66 -3.17 -16.41
C ILE B 20 2.09 -1.93 -15.73
N GLY B 21 1.26 -2.14 -14.70
CA GLY B 21 0.62 -1.06 -13.97
C GLY B 21 -0.76 -0.62 -14.44
N ASP B 22 -1.21 -1.05 -15.62
CA ASP B 22 -2.52 -0.59 -16.09
C ASP B 22 -3.66 -1.14 -15.26
N LEU B 23 -4.62 -0.27 -14.95
CA LEU B 23 -5.82 -0.69 -14.27
C LEU B 23 -6.79 -1.20 -15.32
N VAL B 24 -7.35 -2.39 -15.09
CA VAL B 24 -8.20 -3.00 -16.10
C VAL B 24 -9.35 -3.76 -15.48
N TRP B 25 -10.32 -4.10 -16.32
CA TRP B 25 -11.29 -5.12 -16.00
C TRP B 25 -10.84 -6.40 -16.67
N GLY B 26 -10.98 -7.51 -15.95
CA GLY B 26 -10.72 -8.81 -16.52
C GLY B 26 -11.89 -9.73 -16.28
N LYS B 27 -12.14 -10.62 -17.24
CA LYS B 27 -13.24 -11.56 -17.12
C LYS B 27 -12.69 -12.98 -17.00
N ILE B 28 -13.15 -13.69 -15.98
CA ILE B 28 -12.90 -15.12 -15.90
C ILE B 28 -14.28 -15.78 -16.00
N LYS B 29 -14.35 -16.90 -16.70
CA LYS B 29 -15.65 -17.54 -16.93
C LYS B 29 -16.27 -18.01 -15.62
N GLY B 30 -17.53 -17.62 -15.44
CA GLY B 30 -18.25 -17.84 -14.20
C GLY B 30 -18.37 -16.51 -13.47
N PHE B 31 -17.63 -15.52 -13.94
CA PHE B 31 -17.51 -14.25 -13.23
C PHE B 31 -17.83 -13.02 -14.06
N SER B 32 -18.38 -12.01 -13.39
CA SER B 32 -18.50 -10.68 -13.97
C SER B 32 -17.13 -10.13 -14.35
N TRP B 33 -17.10 -8.91 -14.87
CA TRP B 33 -15.85 -8.20 -14.99
C TRP B 33 -15.37 -7.82 -13.59
N TRP B 34 -14.10 -8.08 -13.30
CA TRP B 34 -13.53 -7.74 -11.99
C TRP B 34 -12.33 -6.84 -12.20
N PRO B 35 -12.16 -5.84 -11.34
CA PRO B 35 -11.07 -4.89 -11.55
C PRO B 35 -9.73 -5.51 -11.17
N ALA B 36 -8.67 -5.14 -11.86
CA ALA B 36 -7.37 -5.71 -11.57
C ALA B 36 -6.28 -4.76 -12.02
N MET B 37 -5.04 -5.13 -11.70
CA MET B 37 -3.88 -4.41 -12.21
C MET B 37 -2.94 -5.36 -12.94
N VAL B 38 -2.50 -4.96 -14.13
CA VAL B 38 -1.47 -5.72 -14.84
C VAL B 38 -0.15 -5.65 -14.08
N VAL B 39 0.39 -6.81 -13.70
CA VAL B 39 1.68 -6.87 -13.01
C VAL B 39 2.71 -7.65 -13.83
N SER B 40 3.98 -7.53 -13.45
CA SER B 40 5.02 -8.32 -14.11
C SER B 40 4.93 -9.75 -13.62
N TRP B 41 5.32 -10.71 -14.45
CA TRP B 41 5.31 -12.08 -13.98
C TRP B 41 6.16 -12.25 -12.72
N LYS B 42 7.18 -11.40 -12.56
CA LYS B 42 8.10 -11.54 -11.41
C LYS B 42 7.46 -11.23 -10.05
N ALA B 43 6.33 -10.53 -10.06
CA ALA B 43 5.58 -10.28 -8.82
C ALA B 43 4.72 -11.49 -8.40
N THR B 44 4.48 -12.41 -9.33
CA THR B 44 3.49 -13.45 -9.12
C THR B 44 4.00 -14.67 -8.37
N SER B 45 5.32 -14.85 -8.39
CA SER B 45 5.95 -16.06 -7.87
C SER B 45 5.44 -17.28 -8.64
N LYS B 46 5.38 -17.15 -9.96
CA LYS B 46 4.88 -18.18 -10.85
C LYS B 46 5.60 -18.07 -12.20
N ARG B 47 5.22 -18.90 -13.15
CA ARG B 47 5.81 -18.91 -14.48
C ARG B 47 5.69 -17.56 -15.21
N GLN B 48 6.58 -17.34 -16.16
CA GLN B 48 6.42 -16.25 -17.10
C GLN B 48 5.11 -16.46 -17.88
N ALA B 49 4.53 -15.39 -18.41
CA ALA B 49 3.25 -15.47 -19.13
C ALA B 49 3.44 -15.90 -20.58
N MET B 50 2.56 -16.78 -21.06
CA MET B 50 2.58 -17.20 -22.46
C MET B 50 2.37 -16.00 -23.35
N SER B 51 2.70 -16.17 -24.62
CA SER B 51 2.57 -15.14 -25.63
C SER B 51 1.12 -14.64 -25.74
N GLY B 52 0.95 -13.34 -25.84
CA GLY B 52 -0.36 -12.74 -25.89
C GLY B 52 -1.09 -12.65 -24.56
N MET B 53 -0.51 -13.22 -23.50
CA MET B 53 -1.11 -13.18 -22.16
C MET B 53 -0.54 -12.05 -21.27
N ARG B 54 -1.20 -11.83 -20.14
CA ARG B 54 -0.82 -10.79 -19.19
C ARG B 54 -1.10 -11.36 -17.84
N TRP B 55 -0.20 -11.10 -16.90
CA TRP B 55 -0.49 -11.41 -15.51
C TRP B 55 -1.27 -10.25 -14.91
N VAL B 56 -2.33 -10.56 -14.18
CA VAL B 56 -3.07 -9.51 -13.48
C VAL B 56 -3.21 -9.86 -12.02
N GLN B 57 -3.32 -8.83 -11.18
CA GLN B 57 -3.59 -9.07 -9.77
C GLN B 57 -4.95 -8.44 -9.44
N TRP B 58 -5.86 -9.26 -8.90
CA TRP B 58 -7.22 -8.80 -8.68
C TRP B 58 -7.29 -7.91 -7.47
N PHE B 59 -7.96 -6.76 -7.60
CA PHE B 59 -8.23 -5.96 -6.41
C PHE B 59 -9.19 -6.73 -5.53
N GLY B 60 -9.09 -6.55 -4.22
CA GLY B 60 -9.97 -7.26 -3.31
C GLY B 60 -9.32 -8.45 -2.64
N ASP B 61 -8.84 -9.41 -3.42
CA ASP B 61 -8.17 -10.53 -2.79
C ASP B 61 -6.65 -10.62 -3.07
N GLY B 62 -6.16 -9.76 -3.95
CA GLY B 62 -4.73 -9.73 -4.28
C GLY B 62 -4.16 -10.99 -4.94
N LYS B 63 -5.04 -11.90 -5.38
CA LYS B 63 -4.62 -13.10 -6.10
C LYS B 63 -4.18 -12.81 -7.56
N PHE B 64 -3.46 -13.76 -8.16
CA PHE B 64 -2.92 -13.57 -9.50
C PHE B 64 -3.56 -14.52 -10.50
N SER B 65 -3.74 -14.02 -11.73
CA SER B 65 -4.26 -14.83 -12.83
C SER B 65 -3.57 -14.45 -14.13
N GLU B 66 -3.37 -15.42 -15.00
CA GLU B 66 -2.83 -15.16 -16.34
C GLU B 66 -4.00 -15.00 -17.30
N VAL B 67 -4.10 -13.85 -17.95
CA VAL B 67 -5.29 -13.57 -18.76
C VAL B 67 -4.89 -13.10 -20.16
N SER B 68 -5.65 -13.52 -21.16
CA SER B 68 -5.39 -13.06 -22.50
C SER B 68 -5.55 -11.57 -22.57
N ALA B 69 -4.61 -10.90 -23.24
CA ALA B 69 -4.70 -9.46 -23.45
C ALA B 69 -5.94 -9.04 -24.26
N ASP B 70 -6.61 -10.01 -24.86
CA ASP B 70 -7.79 -9.74 -25.66
C ASP B 70 -9.07 -9.84 -24.82
N LYS B 71 -8.96 -10.34 -23.59
CA LYS B 71 -10.08 -10.44 -22.67
C LYS B 71 -9.95 -9.41 -21.52
N LEU B 72 -9.33 -8.27 -21.84
CA LEU B 72 -9.11 -7.20 -20.88
C LEU B 72 -9.56 -5.86 -21.47
N VAL B 73 -10.21 -5.03 -20.66
CA VAL B 73 -10.54 -3.66 -21.08
C VAL B 73 -10.03 -2.67 -20.04
N ALA B 74 -9.75 -1.45 -20.47
CA ALA B 74 -9.23 -0.43 -19.56
C ALA B 74 -10.28 -0.14 -18.49
N LEU B 75 -9.84 0.09 -17.26
CA LEU B 75 -10.75 0.42 -16.17
C LEU B 75 -11.60 1.66 -16.52
N GLY B 76 -11.00 2.59 -17.27
CA GLY B 76 -11.69 3.78 -17.76
C GLY B 76 -13.05 3.52 -18.41
N LEU B 77 -13.22 2.38 -19.07
CA LEU B 77 -14.54 2.06 -19.59
C LEU B 77 -15.39 1.60 -18.44
N PHE B 78 -15.70 2.53 -17.54
CA PHE B 78 -16.16 2.13 -16.21
C PHE B 78 -17.59 1.64 -16.14
N SER B 79 -18.54 2.49 -16.53
CA SER B 79 -19.97 2.15 -16.43
C SER B 79 -20.37 0.96 -17.30
N GLN B 80 -19.70 0.79 -18.43
CA GLN B 80 -20.01 -0.33 -19.32
C GLN B 80 -19.69 -1.68 -18.69
N HIS B 81 -18.75 -1.71 -17.74
CA HIS B 81 -18.33 -3.01 -17.22
C HIS B 81 -18.61 -3.22 -15.74
N PHE B 82 -18.76 -2.12 -15.02
CA PHE B 82 -19.24 -2.20 -13.64
C PHE B 82 -20.56 -2.95 -13.63
N ASN B 83 -20.75 -3.87 -12.71
CA ASN B 83 -21.98 -4.66 -12.67
C ASN B 83 -22.75 -4.39 -11.38
N LEU B 84 -23.84 -3.61 -11.50
CA LEU B 84 -24.59 -3.17 -10.32
C LEU B 84 -25.22 -4.33 -9.55
N ALA B 85 -25.77 -5.30 -10.27
CA ALA B 85 -26.30 -6.50 -9.64
C ALA B 85 -25.24 -7.20 -8.78
N THR B 86 -24.05 -7.42 -9.34
CA THR B 86 -22.99 -8.10 -8.59
C THR B 86 -22.56 -7.24 -7.39
N PHE B 87 -22.48 -5.92 -7.59
CA PHE B 87 -22.11 -4.99 -6.53
C PHE B 87 -23.05 -5.11 -5.31
N ASN B 88 -24.36 -5.02 -5.55
CA ASN B 88 -25.32 -5.08 -4.45
C ASN B 88 -25.34 -6.46 -3.79
N LYS B 89 -25.03 -7.50 -4.57
CA LYS B 89 -25.09 -8.88 -4.10
C LYS B 89 -23.88 -9.36 -3.25
N LEU B 90 -22.66 -9.07 -3.68
CA LEU B 90 -21.44 -9.61 -3.07
C LEU B 90 -20.58 -8.53 -2.42
N VAL B 91 -20.34 -8.64 -1.11
CA VAL B 91 -19.46 -7.67 -0.44
C VAL B 91 -18.01 -7.74 -0.98
N SER B 92 -17.62 -8.91 -1.46
CA SER B 92 -16.27 -9.08 -2.02
C SER B 92 -16.06 -8.09 -3.17
N TYR B 93 -17.06 -8.03 -4.05
CA TYR B 93 -17.05 -7.11 -5.17
C TYR B 93 -16.99 -5.67 -4.69
N ARG B 94 -17.72 -5.35 -3.62
CA ARG B 94 -17.71 -3.97 -3.13
C ARG B 94 -16.32 -3.62 -2.62
N LYS B 95 -15.71 -4.57 -1.91
CA LYS B 95 -14.31 -4.42 -1.46
C LYS B 95 -13.35 -4.23 -2.64
N ALA B 96 -13.46 -5.12 -3.62
CA ALA B 96 -12.65 -5.00 -4.84
C ALA B 96 -12.78 -3.60 -5.45
N MET B 97 -14.02 -3.13 -5.58
CA MET B 97 -14.27 -1.81 -6.15
C MET B 97 -13.60 -0.73 -5.34
N TYR B 98 -13.67 -0.84 -4.02
CA TYR B 98 -13.06 0.20 -3.18
C TYR B 98 -11.56 0.29 -3.42
N HIS B 99 -10.87 -0.84 -3.36
CA HIS B 99 -9.42 -0.82 -3.50
C HIS B 99 -9.02 -0.35 -4.88
N ALA B 100 -9.80 -0.78 -5.88
CA ALA B 100 -9.54 -0.37 -7.26
C ALA B 100 -9.72 1.15 -7.42
N LEU B 101 -10.83 1.68 -6.92
CA LEU B 101 -11.08 3.11 -7.06
C LEU B 101 -10.10 3.96 -6.24
N GLU B 102 -9.66 3.41 -5.11
CA GLU B 102 -8.66 4.05 -4.28
C GLU B 102 -7.36 4.25 -5.05
N LYS B 103 -6.89 3.18 -5.70
CA LYS B 103 -5.69 3.28 -6.51
C LYS B 103 -5.90 4.26 -7.65
N ALA B 104 -7.06 4.17 -8.30
CA ALA B 104 -7.48 5.16 -9.29
C ALA B 104 -7.38 6.58 -8.74
N ARG B 105 -7.98 6.80 -7.57
CA ARG B 105 -7.96 8.12 -6.94
C ARG B 105 -6.56 8.70 -6.79
N VAL B 106 -5.65 7.90 -6.23
CA VAL B 106 -4.28 8.37 -6.00
C VAL B 106 -3.57 8.73 -7.30
N ARG B 107 -3.61 7.81 -8.26
CA ARG B 107 -2.97 8.03 -9.55
C ARG B 107 -3.43 9.35 -10.16
N ALA B 108 -4.72 9.62 -10.00
CA ALA B 108 -5.37 10.78 -10.59
C ALA B 108 -5.13 12.09 -9.83
N GLY B 109 -4.86 12.00 -8.53
CA GLY B 109 -4.75 13.18 -7.69
C GLY B 109 -6.08 13.68 -7.18
N LYS B 110 -7.12 12.85 -7.32
CA LYS B 110 -8.45 13.17 -6.81
C LYS B 110 -8.50 13.08 -5.29
N THR B 111 -9.49 13.76 -4.70
CA THR B 111 -9.67 13.83 -3.25
C THR B 111 -11.15 13.72 -2.91
N PHE B 112 -11.47 12.97 -1.85
CA PHE B 112 -12.86 12.85 -1.40
C PHE B 112 -12.97 13.05 0.12
N PRO B 113 -13.78 14.04 0.53
CA PRO B 113 -14.10 14.32 1.94
C PRO B 113 -14.59 13.08 2.71
N SER B 114 -14.20 12.98 3.99
CA SER B 114 -14.37 11.76 4.79
C SER B 114 -15.63 11.69 5.65
N SER B 119 -17.22 5.11 6.81
CA SER B 119 -17.66 3.74 6.52
C SER B 119 -17.32 3.27 5.08
N LEU B 120 -17.66 2.01 4.77
CA LEU B 120 -17.31 1.39 3.48
C LEU B 120 -18.11 1.96 2.30
N GLU B 121 -19.36 1.50 2.17
CA GLU B 121 -20.26 1.99 1.14
C GLU B 121 -20.34 3.51 1.20
N ASP B 122 -20.19 4.06 2.40
CA ASP B 122 -20.09 5.50 2.58
C ASP B 122 -18.96 6.06 1.74
N GLN B 123 -17.74 5.59 1.99
CA GLN B 123 -16.56 6.10 1.30
C GLN B 123 -16.64 5.81 -0.21
N LEU B 124 -17.35 4.72 -0.54
CA LEU B 124 -17.54 4.29 -1.93
C LEU B 124 -18.40 5.24 -2.77
N LYS B 125 -19.43 5.83 -2.18
CA LYS B 125 -20.36 6.69 -2.92
C LYS B 125 -19.68 7.81 -3.74
N PRO B 126 -18.86 8.69 -3.11
CA PRO B 126 -18.25 9.73 -3.93
C PRO B 126 -17.24 9.20 -4.96
N MET B 127 -16.71 8.00 -4.71
CA MET B 127 -15.75 7.40 -5.63
C MET B 127 -16.46 6.82 -6.85
N LEU B 128 -17.49 6.03 -6.57
CA LEU B 128 -18.33 5.43 -7.58
C LEU B 128 -18.92 6.51 -8.49
N GLU B 129 -19.35 7.62 -7.91
CA GLU B 129 -19.89 8.71 -8.72
C GLU B 129 -18.81 9.36 -9.57
N TRP B 130 -17.60 9.48 -9.02
CA TRP B 130 -16.50 10.07 -9.77
C TRP B 130 -16.17 9.22 -10.99
N ALA B 131 -16.33 7.91 -10.86
CA ALA B 131 -15.91 6.99 -11.90
C ALA B 131 -16.98 6.92 -12.97
N HIS B 132 -18.23 6.74 -12.53
CA HIS B 132 -19.38 6.63 -13.42
C HIS B 132 -19.51 7.83 -14.35
N GLY B 133 -18.92 8.94 -13.93
CA GLY B 133 -18.99 10.18 -14.69
C GLY B 133 -17.67 10.55 -15.32
N GLY B 134 -16.88 9.53 -15.64
CA GLY B 134 -15.70 9.73 -16.47
C GLY B 134 -14.46 10.30 -15.80
N PHE B 135 -14.35 10.14 -14.49
CA PHE B 135 -13.12 10.48 -13.77
C PHE B 135 -12.67 11.92 -13.94
N LYS B 136 -13.62 12.86 -13.91
CA LYS B 136 -13.30 14.28 -14.02
C LYS B 136 -12.57 14.75 -12.76
N PRO B 137 -11.62 15.68 -12.88
CA PRO B 137 -11.29 16.48 -14.08
C PRO B 137 -10.28 15.81 -15.01
N THR B 138 -9.53 14.85 -14.49
CA THR B 138 -8.42 14.23 -15.25
C THR B 138 -8.86 13.44 -16.50
N GLY B 139 -10.04 12.80 -16.43
CA GLY B 139 -10.43 11.85 -17.45
C GLY B 139 -9.67 10.56 -17.25
N ILE B 140 -9.77 9.63 -18.20
CA ILE B 140 -9.10 8.33 -18.03
C ILE B 140 -7.58 8.44 -18.14
N GLU B 141 -7.10 9.57 -18.64
CA GLU B 141 -5.67 9.84 -18.75
C GLU B 141 -4.98 9.87 -17.37
N GLY B 142 -5.76 10.07 -16.32
CA GLY B 142 -5.20 10.17 -14.98
C GLY B 142 -5.01 8.85 -14.26
N LEU B 143 -5.49 7.76 -14.85
CA LEU B 143 -5.38 6.44 -14.23
C LEU B 143 -4.11 5.72 -14.65
N LYS B 144 -3.36 6.31 -15.58
CA LYS B 144 -2.15 5.70 -16.08
C LYS B 144 -1.06 5.58 -14.99
N PRO B 145 -0.23 4.53 -15.07
CA PRO B 145 0.86 4.34 -14.10
C PRO B 145 1.95 5.41 -14.22
N ASN B 146 2.73 5.59 -13.16
CA ASN B 146 3.69 6.69 -13.03
C ASN B 146 3.01 8.07 -13.06
#